data_3OY3
#
_entry.id   3OY3
#
_cell.length_a   66.471
_cell.length_b   59.988
_cell.length_c   89.439
_cell.angle_alpha   90.000
_cell.angle_beta   97.970
_cell.angle_gamma   90.000
#
_symmetry.space_group_name_H-M   'P 1 21 1'
#
loop_
_entity.id
_entity.type
_entity.pdbx_description
1 polymer 'Tyrosine-protein kinase ABL1'
2 non-polymer 5-[(5-{[4-{[4-(2-hydroxyethyl)piperazin-1-yl]methyl}-3-(trifluoromethyl)phenyl]carbamoyl}-2-methylphenyl)ethynyl]-1-methyl-1H-imidazole-2-carboxamide
3 water water
#
_entity_poly.entity_id   1
_entity_poly.type   'polypeptide(L)'
_entity_poly.pdbx_seq_one_letter_code
;GSPNYDKWEMERTDITMKHKLGGGQYGEVYEGVWKKYSLTVAVKTLKEDTMEVEEFLKEAAVMKEIKHPNLVQLLGVCTR
EPPFYIIIEFMTYGNLLDYLRECNRQEVSAVVLLYMATQISSAMEYLEKKNFIHRDLAARNCLVGENHLVKVADFGLSRL
MTGDTYTAHAGAKFPIKWTAPESLAYNKFSIKSDVWAFGVLLWEIATYGMSPYPGIDLSQVYELLEKDYRMERPEGCPEK
VYELMRACWQWNPSDRPSFAEIHQAFETMFQESSISDEVEKELG
;
_entity_poly.pdbx_strand_id   A,B
#
# COMPACT_ATOMS: atom_id res chain seq x y z
N GLY A 1 30.39 7.59 7.40
CA GLY A 1 30.90 8.93 6.89
C GLY A 1 31.95 9.59 7.79
N SER A 2 32.44 8.84 8.78
CA SER A 2 33.03 9.38 9.99
C SER A 2 33.40 8.13 10.80
N PRO A 3 34.43 8.22 11.66
CA PRO A 3 35.09 7.04 12.26
C PRO A 3 34.19 6.11 13.09
N ASN A 4 33.16 6.67 13.68
CA ASN A 4 32.40 5.99 14.72
C ASN A 4 31.02 5.60 14.17
N TYR A 5 30.85 5.62 12.84
CA TYR A 5 29.56 5.39 12.23
C TYR A 5 29.18 3.92 12.33
N ASP A 6 27.94 3.66 12.73
CA ASP A 6 27.42 2.30 12.73
C ASP A 6 26.00 2.41 12.18
N LYS A 7 25.76 1.78 11.02
CA LYS A 7 24.48 1.88 10.32
C LYS A 7 23.27 1.42 11.12
N TRP A 8 23.47 0.70 12.23
CA TRP A 8 22.31 0.25 13.02
C TRP A 8 22.04 1.14 14.24
N GLU A 9 23.02 1.95 14.63
CA GLU A 9 22.93 2.68 15.89
C GLU A 9 22.04 3.91 15.66
N MET A 10 21.08 4.16 16.56
CA MET A 10 20.26 5.36 16.44
C MET A 10 20.52 6.24 17.65
N GLU A 11 20.02 7.47 17.61
CA GLU A 11 20.14 8.34 18.77
C GLU A 11 18.89 8.16 19.65
N ARG A 12 19.10 7.68 20.87
CA ARG A 12 18.04 7.50 21.85
C ARG A 12 17.02 8.63 21.88
N THR A 13 17.49 9.87 21.76
CA THR A 13 16.55 10.98 21.83
C THR A 13 15.70 11.15 20.57
N ASP A 14 15.93 10.37 19.53
CA ASP A 14 14.98 10.36 18.38
C ASP A 14 13.62 9.74 18.77
N ILE A 15 13.62 8.94 19.85
CA ILE A 15 12.42 8.19 20.23
C ILE A 15 11.76 8.78 21.46
N THR A 16 10.46 9.02 21.38
CA THR A 16 9.66 9.36 22.55
C THR A 16 9.28 8.03 23.21
N MET A 17 9.58 7.82 24.49
CA MET A 17 9.21 6.56 25.14
C MET A 17 7.91 6.78 25.87
N LYS A 18 7.01 5.81 25.77
CA LYS A 18 5.71 5.96 26.39
C LYS A 18 5.54 4.83 27.38
N HIS A 19 4.35 4.20 27.40
CA HIS A 19 4.02 3.17 28.42
C HIS A 19 4.62 1.81 28.15
N LYS A 20 4.87 1.06 29.21
CA LYS A 20 5.18 -0.37 29.07
C LYS A 20 4.05 -1.15 28.43
N LEU A 21 4.40 -2.04 27.52
CA LEU A 21 3.43 -2.89 26.84
C LEU A 21 3.32 -4.25 27.60
N GLY A 22 2.11 -4.80 27.65
CA GLY A 22 1.93 -6.19 28.10
C GLY A 22 2.09 -6.43 29.60
N GLY A 23 1.87 -5.39 30.39
CA GLY A 23 1.68 -5.54 31.83
C GLY A 23 2.86 -6.20 32.53
N GLY A 24 4.02 -6.15 31.88
CA GLY A 24 5.20 -6.77 32.48
C GLY A 24 5.45 -8.20 32.03
N GLN A 25 4.41 -8.84 31.50
CA GLN A 25 4.50 -10.23 31.08
C GLN A 25 5.42 -10.39 29.86
N TYR A 26 5.74 -9.28 29.21
CA TYR A 26 6.62 -9.28 28.06
C TYR A 26 7.93 -8.55 28.33
N GLY A 27 8.21 -8.35 29.61
CA GLY A 27 9.48 -7.79 29.99
C GLY A 27 9.50 -6.30 29.75
N GLU A 28 10.70 -5.76 29.54
CA GLU A 28 10.89 -4.31 29.44
C GLU A 28 10.69 -3.83 27.99
N VAL A 29 9.45 -3.91 27.50
CA VAL A 29 9.14 -3.40 26.17
C VAL A 29 8.12 -2.28 26.25
N TYR A 30 8.48 -1.15 25.65
CA TYR A 30 7.65 0.06 25.72
C TYR A 30 7.09 0.51 24.36
N GLU A 31 5.93 1.15 24.35
CA GLU A 31 5.48 1.77 23.12
C GLU A 31 6.36 3.01 22.96
N GLY A 32 6.72 3.33 21.74
CA GLY A 32 7.41 4.59 21.52
C GLY A 32 7.07 5.19 20.17
N VAL A 33 7.63 6.36 19.89
CA VAL A 33 7.40 7.02 18.60
C VAL A 33 8.74 7.54 18.08
N TRP A 34 9.08 7.20 16.85
CA TRP A 34 10.31 7.65 16.21
C TRP A 34 9.90 8.99 15.57
N LYS A 35 10.15 10.09 16.30
CA LYS A 35 9.55 11.39 16.00
C LYS A 35 9.74 11.80 14.53
N LYS A 36 10.98 11.69 14.06
CA LYS A 36 11.33 12.18 12.73
C LYS A 36 10.45 11.53 11.66
N TYR A 37 10.11 10.24 11.85
CA TYR A 37 9.41 9.49 10.81
C TYR A 37 7.95 9.24 11.12
N SER A 38 7.45 9.92 12.13
CA SER A 38 6.04 9.79 12.47
C SER A 38 5.64 8.30 12.60
N LEU A 39 6.54 7.47 13.14
CA LEU A 39 6.28 6.03 13.18
C LEU A 39 6.16 5.58 14.62
N THR A 40 5.02 4.97 14.96
CA THR A 40 4.89 4.31 16.27
C THR A 40 5.78 3.06 16.29
N VAL A 41 6.60 2.90 17.33
CA VAL A 41 7.47 1.74 17.48
C VAL A 41 7.26 1.01 18.81
N ALA A 42 7.92 -0.12 18.94
CA ALA A 42 7.99 -0.82 20.21
C ALA A 42 9.47 -0.83 20.51
N VAL A 43 9.81 -0.68 21.78
CA VAL A 43 11.20 -0.57 22.16
C VAL A 43 11.52 -1.49 23.34
N LYS A 44 12.49 -2.38 23.16
CA LYS A 44 12.94 -3.18 24.28
C LYS A 44 14.15 -2.54 24.92
N THR A 45 14.15 -2.43 26.23
CA THR A 45 15.27 -1.80 26.88
C THR A 45 15.84 -2.72 27.95
N LEU A 46 17.10 -2.53 28.27
CA LEU A 46 17.74 -3.34 29.31
C LEU A 46 17.67 -2.47 30.53
N LYS A 47 18.15 -1.24 30.34
CA LYS A 47 18.00 -0.15 31.29
C LYS A 47 19.14 -0.29 32.24
N GLU A 48 20.20 0.45 31.97
CA GLU A 48 21.49 0.11 32.53
C GLU A 48 21.51 -1.44 32.38
N ASP A 49 21.61 -2.28 33.42
CA ASP A 49 21.99 -2.00 34.81
C ASP A 49 22.72 -3.30 35.21
N THR A 50 23.77 -3.63 34.45
CA THR A 50 24.52 -4.89 34.60
C THR A 50 23.70 -6.20 34.43
N MET A 51 24.38 -7.21 33.86
CA MET A 51 24.04 -8.63 34.00
C MET A 51 23.22 -9.33 32.90
N GLU A 52 22.28 -8.62 32.27
CA GLU A 52 21.53 -9.21 31.17
C GLU A 52 22.15 -8.80 29.84
N VAL A 53 23.28 -8.11 29.92
CA VAL A 53 23.78 -7.36 28.79
C VAL A 53 24.13 -8.27 27.61
N GLU A 54 24.79 -9.40 27.91
CA GLU A 54 25.20 -10.29 26.83
C GLU A 54 24.02 -10.75 25.99
N GLU A 55 22.97 -11.24 26.62
CA GLU A 55 21.85 -11.72 25.84
C GLU A 55 21.17 -10.60 25.03
N PHE A 56 21.16 -9.38 25.57
CA PHE A 56 20.64 -8.24 24.82
C PHE A 56 21.48 -7.99 23.57
N LEU A 57 22.80 -8.00 23.70
CA LEU A 57 23.65 -7.80 22.52
C LEU A 57 23.51 -8.95 21.51
N LYS A 58 23.37 -10.16 22.01
CA LYS A 58 23.13 -11.34 21.13
C LYS A 58 21.81 -11.21 20.35
N GLU A 59 20.75 -10.80 21.05
CA GLU A 59 19.46 -10.58 20.39
C GLU A 59 19.63 -9.54 19.25
N ALA A 60 20.32 -8.44 19.55
CA ALA A 60 20.46 -7.40 18.53
C ALA A 60 21.26 -8.00 17.36
N ALA A 61 22.33 -8.72 17.67
CA ALA A 61 23.16 -9.29 16.60
C ALA A 61 22.30 -10.20 15.71
N VAL A 62 21.51 -11.10 16.34
CA VAL A 62 20.62 -11.95 15.58
C VAL A 62 19.63 -11.15 14.71
N MET A 63 18.95 -10.17 15.31
CA MET A 63 17.98 -9.38 14.55
C MET A 63 18.55 -8.63 13.34
N LYS A 64 19.82 -8.23 13.41
CA LYS A 64 20.45 -7.58 12.24
C LYS A 64 20.50 -8.52 11.01
N GLU A 65 20.35 -9.84 11.23
CA GLU A 65 20.44 -10.82 10.13
C GLU A 65 19.08 -11.27 9.61
N ILE A 66 18.00 -10.81 10.21
CA ILE A 66 16.69 -11.31 9.89
C ILE A 66 15.82 -10.29 9.18
N LYS A 67 15.49 -10.59 7.94
CA LYS A 67 14.70 -9.68 7.17
C LYS A 67 13.74 -10.47 6.32
N HIS A 68 12.47 -10.42 6.72
CA HIS A 68 11.43 -11.21 6.08
C HIS A 68 10.09 -10.61 6.47
N PRO A 69 9.12 -10.64 5.55
CA PRO A 69 7.87 -9.94 5.83
C PRO A 69 7.12 -10.46 7.04
N ASN A 70 7.30 -11.75 7.36
CA ASN A 70 6.57 -12.33 8.49
C ASN A 70 7.44 -12.61 9.72
N LEU A 71 8.57 -11.92 9.80
CA LEU A 71 9.42 -11.90 11.00
C LEU A 71 9.63 -10.43 11.42
N VAL A 72 9.78 -10.15 12.72
CA VAL A 72 9.95 -8.76 13.15
C VAL A 72 11.22 -8.20 12.48
N GLN A 73 11.19 -6.92 12.16
CA GLN A 73 12.30 -6.34 11.41
C GLN A 73 12.94 -5.22 12.20
N LEU A 74 14.21 -5.40 12.52
CA LEU A 74 14.93 -4.42 13.31
C LEU A 74 14.93 -3.08 12.56
N LEU A 75 14.63 -2.01 13.26
CA LEU A 75 14.75 -0.65 12.70
C LEU A 75 16.03 0.06 13.18
N GLY A 76 16.48 -0.29 14.36
CA GLY A 76 17.66 0.37 14.90
C GLY A 76 17.91 -0.12 16.32
N VAL A 77 19.10 0.16 16.85
CA VAL A 77 19.41 -0.16 18.23
C VAL A 77 20.14 1.02 18.88
N CYS A 78 20.24 1.01 20.21
CA CYS A 78 21.18 1.88 20.90
C CYS A 78 21.96 0.97 21.83
N THR A 79 23.21 0.70 21.49
CA THR A 79 23.97 -0.26 22.29
C THR A 79 25.40 0.23 22.60
N ARG A 80 25.59 1.55 22.56
CA ARG A 80 26.89 2.15 22.82
C ARG A 80 27.03 2.42 24.31
N GLU A 81 25.91 2.79 24.94
CA GLU A 81 25.88 3.10 26.36
C GLU A 81 24.47 2.79 26.83
N PRO A 82 24.30 2.57 28.14
CA PRO A 82 22.97 2.28 28.69
C PRO A 82 22.16 3.56 28.78
N PRO A 83 20.83 3.46 28.76
CA PRO A 83 20.05 2.23 28.56
C PRO A 83 20.11 1.76 27.11
N PHE A 84 20.29 0.46 26.90
CA PHE A 84 20.24 -0.16 25.58
C PHE A 84 18.79 -0.21 25.04
N TYR A 85 18.63 -0.09 23.72
CA TYR A 85 17.34 -0.14 23.05
C TYR A 85 17.49 -1.10 21.90
N ILE A 86 16.43 -1.87 21.69
CA ILE A 86 16.18 -2.56 20.43
C ILE A 86 14.80 -2.08 19.93
N ILE A 87 14.76 -1.60 18.70
CA ILE A 87 13.58 -0.93 18.22
C ILE A 87 12.99 -1.61 17.01
N ILE A 88 11.70 -1.94 17.07
CA ILE A 88 10.97 -2.37 15.86
C ILE A 88 9.67 -1.62 15.73
N GLU A 89 9.06 -1.69 14.54
CA GLU A 89 7.76 -1.09 14.32
C GLU A 89 6.68 -1.75 15.19
N PHE A 90 5.77 -0.92 15.70
CA PHE A 90 4.69 -1.35 16.58
C PHE A 90 3.66 -2.14 15.77
N MET A 91 3.22 -3.26 16.31
CA MET A 91 2.19 -4.05 15.60
C MET A 91 0.88 -3.84 16.31
N THR A 92 -0.10 -3.32 15.56
CA THR A 92 -1.32 -2.74 16.10
C THR A 92 -2.06 -3.60 17.11
N TYR A 93 -2.17 -4.89 16.81
CA TYR A 93 -3.05 -5.74 17.64
C TYR A 93 -2.37 -6.61 18.67
N GLY A 94 -1.06 -6.45 18.84
CA GLY A 94 -0.37 -7.15 19.90
C GLY A 94 -0.16 -8.62 19.59
N ASN A 95 -0.02 -9.43 20.64
CA ASN A 95 0.34 -10.82 20.45
C ASN A 95 -0.86 -11.67 20.00
N LEU A 96 -0.55 -12.69 19.22
CA LEU A 96 -1.57 -13.48 18.54
C LEU A 96 -2.44 -14.25 19.53
N LEU A 97 -1.88 -14.71 20.65
CA LEU A 97 -2.70 -15.49 21.59
C LEU A 97 -3.88 -14.64 22.10
N ASP A 98 -3.59 -13.44 22.59
CA ASP A 98 -4.65 -12.55 23.09
C ASP A 98 -5.53 -12.07 21.94
N TYR A 99 -4.96 -11.93 20.76
CA TYR A 99 -5.76 -11.57 19.59
C TYR A 99 -6.83 -12.66 19.30
N LEU A 100 -6.41 -13.91 19.28
CA LEU A 100 -7.38 -15.00 19.05
C LEU A 100 -8.45 -15.00 20.14
N ARG A 101 -8.02 -14.77 21.37
CA ARG A 101 -8.90 -14.87 22.51
C ARG A 101 -9.89 -13.72 22.56
N GLU A 102 -9.60 -12.61 21.86
CA GLU A 102 -10.52 -11.48 21.93
C GLU A 102 -11.20 -11.13 20.59
N CYS A 103 -10.98 -11.93 19.56
CA CYS A 103 -11.36 -11.51 18.20
C CYS A 103 -12.86 -11.70 17.93
N ASN A 104 -13.29 -11.10 16.82
CA ASN A 104 -14.64 -11.22 16.31
C ASN A 104 -14.56 -12.33 15.30
N ARG A 105 -15.18 -13.46 15.60
CA ARG A 105 -14.99 -14.64 14.76
C ARG A 105 -15.61 -14.54 13.36
N GLN A 106 -16.55 -13.62 13.18
CA GLN A 106 -17.07 -13.34 11.85
C GLN A 106 -15.96 -12.66 11.02
N GLU A 107 -15.16 -11.82 11.66
CA GLU A 107 -13.99 -11.22 11.02
C GLU A 107 -12.87 -12.25 10.88
N VAL A 108 -12.44 -12.83 12.00
CA VAL A 108 -11.37 -13.82 11.95
C VAL A 108 -11.97 -15.20 11.69
N SER A 109 -12.24 -15.46 10.42
CA SER A 109 -12.87 -16.70 9.96
C SER A 109 -11.85 -17.77 9.65
N ALA A 110 -12.33 -18.93 9.23
CA ALA A 110 -11.44 -20.02 8.82
C ALA A 110 -10.39 -19.58 7.81
N VAL A 111 -10.80 -18.80 6.82
CA VAL A 111 -9.80 -18.39 5.85
C VAL A 111 -8.73 -17.49 6.49
N VAL A 112 -9.10 -16.66 7.45
CA VAL A 112 -8.10 -15.84 8.13
C VAL A 112 -7.16 -16.70 9.02
N LEU A 113 -7.72 -17.67 9.74
CA LEU A 113 -6.89 -18.61 10.47
C LEU A 113 -5.86 -19.31 9.56
N LEU A 114 -6.24 -19.68 8.32
CA LEU A 114 -5.28 -20.29 7.40
C LEU A 114 -4.25 -19.27 6.95
N TYR A 115 -4.70 -18.04 6.67
CA TYR A 115 -3.77 -16.99 6.28
C TYR A 115 -2.69 -16.79 7.37
N MET A 116 -3.11 -16.83 8.63
CA MET A 116 -2.16 -16.63 9.72
C MET A 116 -1.20 -17.81 9.86
N ALA A 117 -1.71 -19.03 9.72
CA ALA A 117 -0.86 -20.23 9.72
C ALA A 117 0.13 -20.14 8.54
N THR A 118 -0.37 -19.73 7.40
CA THR A 118 0.47 -19.66 6.20
C THR A 118 1.63 -18.69 6.41
N GLN A 119 1.33 -17.51 6.94
CA GLN A 119 2.34 -16.48 7.19
C GLN A 119 3.40 -16.95 8.19
N ILE A 120 2.96 -17.67 9.22
CA ILE A 120 3.88 -18.15 10.24
C ILE A 120 4.78 -19.20 9.61
N SER A 121 4.21 -20.05 8.75
CA SER A 121 5.07 -21.11 8.18
C SER A 121 6.05 -20.47 7.18
N SER A 122 5.68 -19.36 6.58
CA SER A 122 6.60 -18.63 5.70
C SER A 122 7.81 -18.12 6.50
N ALA A 123 7.54 -17.59 7.69
CA ALA A 123 8.61 -17.05 8.53
C ALA A 123 9.51 -18.18 8.96
N MET A 124 8.92 -19.33 9.31
CA MET A 124 9.71 -20.45 9.76
C MET A 124 10.54 -21.08 8.63
N GLU A 125 10.00 -21.09 7.42
CA GLU A 125 10.79 -21.58 6.28
C GLU A 125 12.03 -20.69 6.12
N TYR A 126 11.84 -19.38 6.26
CA TYR A 126 12.97 -18.47 6.17
C TYR A 126 14.01 -18.78 7.24
N LEU A 127 13.56 -18.97 8.49
CA LEU A 127 14.52 -19.27 9.55
C LEU A 127 15.24 -20.59 9.27
N GLU A 128 14.49 -21.57 8.78
CA GLU A 128 15.05 -22.89 8.49
C GLU A 128 16.14 -22.76 7.40
N LYS A 129 15.81 -22.06 6.31
CA LYS A 129 16.76 -21.71 5.25
C LYS A 129 18.05 -21.05 5.77
N LYS A 130 17.92 -20.17 6.77
CA LYS A 130 19.07 -19.48 7.34
C LYS A 130 19.74 -20.27 8.46
N ASN A 131 19.24 -21.49 8.72
CA ASN A 131 19.76 -22.31 9.81
C ASN A 131 19.60 -21.72 11.19
N PHE A 132 18.58 -20.90 11.41
CA PHE A 132 18.33 -20.45 12.76
C PHE A 132 17.35 -21.38 13.47
N ILE A 133 17.36 -21.37 14.79
CA ILE A 133 16.40 -22.13 15.58
C ILE A 133 15.65 -21.13 16.48
N HIS A 134 14.32 -21.17 16.44
CA HIS A 134 13.54 -20.16 17.14
C HIS A 134 13.62 -20.48 18.62
N ARG A 135 13.29 -21.73 18.92
CA ARG A 135 13.32 -22.26 20.28
C ARG A 135 12.15 -21.93 21.22
N ASP A 136 11.25 -21.03 20.85
CA ASP A 136 10.05 -20.83 21.68
C ASP A 136 8.87 -20.36 20.81
N LEU A 137 8.56 -21.11 19.74
CA LEU A 137 7.50 -20.71 18.84
C LEU A 137 6.15 -21.06 19.49
N ALA A 138 5.25 -20.06 19.52
CA ALA A 138 3.96 -20.16 20.24
C ALA A 138 3.16 -18.91 19.93
N ALA A 139 1.84 -18.96 20.06
CA ALA A 139 1.02 -17.80 19.70
C ALA A 139 1.40 -16.57 20.52
N ARG A 140 1.75 -16.79 21.80
CA ARG A 140 2.15 -15.67 22.66
C ARG A 140 3.40 -14.94 22.11
N ASN A 141 4.16 -15.56 21.20
CA ASN A 141 5.35 -14.93 20.58
C ASN A 141 5.14 -14.49 19.11
N CYS A 142 3.89 -14.46 18.69
CA CYS A 142 3.54 -13.91 17.38
C CYS A 142 2.80 -12.59 17.54
N LEU A 143 2.87 -11.73 16.54
CA LEU A 143 2.34 -10.39 16.66
C LEU A 143 1.37 -10.18 15.49
N VAL A 144 0.33 -9.38 15.71
CA VAL A 144 -0.69 -9.11 14.70
C VAL A 144 -0.77 -7.62 14.37
N GLY A 145 -0.72 -7.33 13.07
CA GLY A 145 -0.80 -5.97 12.60
C GLY A 145 -2.10 -5.81 11.79
N GLU A 146 -2.15 -4.76 10.98
CA GLU A 146 -3.33 -4.48 10.16
C GLU A 146 -3.55 -5.57 9.10
N ASN A 147 -4.80 -5.74 8.68
CA ASN A 147 -5.15 -6.74 7.66
C ASN A 147 -4.65 -8.18 7.96
N HIS A 148 -4.66 -8.55 9.23
CA HIS A 148 -4.28 -9.89 9.63
C HIS A 148 -2.85 -10.27 9.28
N LEU A 149 -1.99 -9.26 9.09
CA LEU A 149 -0.55 -9.52 9.01
C LEU A 149 -0.08 -10.19 10.32
N VAL A 150 0.66 -11.27 10.19
CA VAL A 150 1.33 -11.88 11.35
C VAL A 150 2.85 -11.84 11.18
N LYS A 151 3.55 -11.53 12.26
CA LYS A 151 4.99 -11.66 12.29
C LYS A 151 5.38 -12.47 13.49
N VAL A 152 6.24 -13.44 13.25
CA VAL A 152 6.88 -14.23 14.28
C VAL A 152 7.86 -13.35 15.06
N ALA A 153 7.83 -13.48 16.37
CA ALA A 153 8.75 -12.70 17.20
C ALA A 153 9.32 -13.60 18.29
N ASP A 154 10.00 -13.02 19.25
CA ASP A 154 10.39 -13.80 20.42
C ASP A 154 10.63 -12.81 21.52
N PHE A 155 10.03 -13.01 22.68
CA PHE A 155 10.19 -12.03 23.73
C PHE A 155 11.01 -12.55 24.90
N GLY A 156 11.66 -13.70 24.71
CA GLY A 156 12.42 -14.31 25.81
C GLY A 156 11.54 -14.41 27.06
N LEU A 157 10.36 -15.02 26.91
CA LEU A 157 9.35 -14.98 27.98
C LEU A 157 9.55 -15.97 29.15
N SER A 158 10.48 -16.92 29.04
CA SER A 158 10.54 -18.02 30.02
C SER A 158 10.76 -17.46 31.42
N ARG A 159 11.48 -16.34 31.46
CA ARG A 159 11.88 -15.70 32.69
C ARG A 159 10.85 -14.66 33.15
N LEU A 160 9.88 -14.35 32.29
CA LEU A 160 9.08 -13.15 32.47
C LEU A 160 7.58 -13.44 32.69
N MET A 161 7.05 -14.41 31.96
CA MET A 161 5.66 -14.80 32.14
C MET A 161 5.48 -15.51 33.47
N THR A 162 4.44 -15.12 34.18
CA THR A 162 4.01 -15.80 35.41
C THR A 162 2.90 -16.81 35.12
N GLY A 163 2.68 -17.73 36.05
CA GLY A 163 1.67 -18.76 35.84
C GLY A 163 2.35 -20.02 35.35
N ASP A 164 1.59 -20.91 34.72
CA ASP A 164 2.12 -22.23 34.38
C ASP A 164 2.52 -22.46 32.91
N THR A 165 2.47 -21.43 32.07
CA THR A 165 3.02 -21.52 30.71
C THR A 165 4.44 -22.10 30.78
N TYR A 166 5.28 -21.46 31.61
CA TYR A 166 6.65 -21.92 31.80
C TYR A 166 6.76 -22.52 33.20
N THR A 167 7.48 -23.63 33.29
CA THR A 167 7.72 -24.28 34.57
C THR A 167 9.15 -24.81 34.61
N ALA A 168 9.65 -25.06 35.81
CA ALA A 168 11.03 -25.49 36.01
C ALA A 168 11.29 -26.86 35.40
N HIS A 169 12.39 -26.97 34.65
CA HIS A 169 12.75 -28.19 33.96
C HIS A 169 14.20 -28.09 33.51
N ALA A 170 15.00 -29.08 33.88
CA ALA A 170 16.44 -29.08 33.60
C ALA A 170 17.10 -27.77 34.02
N GLY A 171 16.66 -27.24 35.16
CA GLY A 171 17.31 -26.06 35.71
C GLY A 171 16.81 -24.74 35.14
N ALA A 172 16.30 -24.75 33.91
CA ALA A 172 15.75 -23.55 33.30
C ALA A 172 14.21 -23.48 33.48
N LYS A 173 13.55 -22.74 32.59
CA LYS A 173 12.09 -22.71 32.52
C LYS A 173 11.61 -23.10 31.12
N PHE A 174 10.81 -24.16 31.02
CA PHE A 174 10.35 -24.67 29.73
C PHE A 174 8.85 -24.46 29.59
N PRO A 175 8.39 -24.12 28.38
CA PRO A 175 6.95 -24.22 28.12
C PRO A 175 6.68 -25.69 27.77
N ILE A 176 6.46 -26.53 28.78
CA ILE A 176 6.36 -28.00 28.60
C ILE A 176 5.45 -28.38 27.42
N LYS A 177 4.28 -27.77 27.33
CA LYS A 177 3.30 -28.20 26.33
C LYS A 177 3.62 -27.83 24.88
N TRP A 178 4.66 -27.01 24.66
CA TRP A 178 5.10 -26.65 23.32
C TRP A 178 6.38 -27.41 22.95
N THR A 179 6.92 -28.15 23.90
CA THR A 179 8.29 -28.68 23.80
C THR A 179 8.34 -30.10 23.24
N ALA A 180 9.11 -30.27 22.16
CA ALA A 180 9.36 -31.58 21.57
C ALA A 180 9.96 -32.60 22.57
N PRO A 181 9.57 -33.90 22.44
CA PRO A 181 10.07 -34.97 23.32
C PRO A 181 11.61 -35.01 23.45
N GLU A 182 12.33 -34.97 22.34
CA GLU A 182 13.80 -34.96 22.43
C GLU A 182 14.35 -33.75 23.20
N SER A 183 13.62 -32.62 23.15
CA SER A 183 14.01 -31.42 23.89
C SER A 183 13.73 -31.53 25.39
N LEU A 184 12.60 -32.13 25.76
CA LEU A 184 12.32 -32.36 27.17
C LEU A 184 13.28 -33.37 27.77
N ALA A 185 13.56 -34.44 27.04
CA ALA A 185 14.34 -35.54 27.62
C ALA A 185 15.87 -35.31 27.50
N TYR A 186 16.32 -34.91 26.32
CA TYR A 186 17.75 -34.89 26.03
C TYR A 186 18.29 -33.48 25.81
N ASN A 187 17.42 -32.49 25.98
CA ASN A 187 17.78 -31.10 25.80
C ASN A 187 18.30 -30.80 24.39
N LYS A 188 17.85 -31.56 23.39
CA LYS A 188 18.23 -31.27 22.00
C LYS A 188 17.19 -30.39 21.29
N PHE A 189 17.61 -29.24 20.79
CA PHE A 189 16.70 -28.34 20.08
C PHE A 189 17.19 -28.25 18.64
N SER A 190 16.29 -28.08 17.68
CA SER A 190 16.70 -27.98 16.28
C SER A 190 15.54 -27.35 15.57
N ILE A 191 15.64 -27.22 14.25
CA ILE A 191 14.51 -26.76 13.48
C ILE A 191 13.31 -27.75 13.54
N LYS A 192 13.60 -29.03 13.76
CA LYS A 192 12.55 -30.02 13.91
C LYS A 192 11.85 -29.87 15.26
N SER A 193 12.54 -29.42 16.32
CA SER A 193 11.78 -29.15 17.53
C SER A 193 10.93 -27.87 17.35
N ASP A 194 11.39 -26.92 16.55
CA ASP A 194 10.51 -25.81 16.20
C ASP A 194 9.29 -26.36 15.40
N VAL A 195 9.54 -27.36 14.56
CA VAL A 195 8.41 -27.86 13.77
C VAL A 195 7.35 -28.40 14.75
N TRP A 196 7.80 -29.07 15.80
CA TRP A 196 6.88 -29.70 16.76
C TRP A 196 6.04 -28.59 17.40
N ALA A 197 6.73 -27.49 17.76
CA ALA A 197 6.06 -26.34 18.38
C ALA A 197 5.05 -25.74 17.41
N PHE A 198 5.44 -25.67 16.14
CA PHE A 198 4.52 -25.13 15.14
C PHE A 198 3.21 -25.93 15.13
N GLY A 199 3.31 -27.24 15.35
CA GLY A 199 2.11 -28.04 15.38
C GLY A 199 1.27 -27.59 16.54
N VAL A 200 1.88 -27.37 17.71
CA VAL A 200 1.07 -26.93 18.84
C VAL A 200 0.45 -25.55 18.55
N LEU A 201 1.24 -24.65 17.94
CA LEU A 201 0.77 -23.32 17.52
C LEU A 201 -0.39 -23.39 16.55
N LEU A 202 -0.37 -24.38 15.65
CA LEU A 202 -1.55 -24.63 14.80
C LEU A 202 -2.78 -24.99 15.64
N TRP A 203 -2.57 -25.74 16.71
CA TRP A 203 -3.71 -26.14 17.54
C TRP A 203 -4.25 -24.90 18.29
N GLU A 204 -3.35 -24.00 18.68
CA GLU A 204 -3.76 -22.75 19.31
C GLU A 204 -4.62 -21.95 18.33
N ILE A 205 -4.15 -21.84 17.09
CA ILE A 205 -4.89 -21.07 16.12
C ILE A 205 -6.28 -21.69 15.93
N ALA A 206 -6.32 -23.02 15.76
CA ALA A 206 -7.58 -23.73 15.45
C ALA A 206 -8.59 -23.58 16.53
N THR A 207 -8.15 -23.44 17.77
CA THR A 207 -9.08 -23.34 18.89
C THR A 207 -9.29 -21.89 19.33
N TYR A 208 -8.81 -20.92 18.56
CA TYR A 208 -8.85 -19.52 18.96
C TYR A 208 -8.21 -19.31 20.36
N GLY A 209 -7.07 -19.96 20.59
CA GLY A 209 -6.25 -19.63 21.72
C GLY A 209 -6.50 -20.44 22.97
N MET A 210 -7.11 -21.62 22.85
CA MET A 210 -7.18 -22.49 24.01
C MET A 210 -5.76 -22.84 24.48
N SER A 211 -5.60 -23.02 25.78
CA SER A 211 -4.38 -23.61 26.31
C SER A 211 -4.31 -25.09 25.88
N PRO A 212 -3.13 -25.56 25.38
CA PRO A 212 -2.88 -26.93 24.89
C PRO A 212 -3.10 -28.06 25.93
N TYR A 213 -3.37 -29.27 25.45
CA TYR A 213 -3.60 -30.43 26.33
C TYR A 213 -4.59 -30.13 27.49
N PRO A 214 -5.84 -29.74 27.18
CA PRO A 214 -6.73 -29.24 28.24
C PRO A 214 -7.00 -30.22 29.41
N GLY A 215 -6.74 -29.75 30.63
CA GLY A 215 -6.98 -30.55 31.82
C GLY A 215 -5.97 -31.65 32.13
N ILE A 216 -4.85 -31.68 31.41
CA ILE A 216 -3.82 -32.70 31.61
C ILE A 216 -2.66 -32.07 32.38
N ASP A 217 -2.24 -32.73 33.46
CA ASP A 217 -1.12 -32.26 34.28
C ASP A 217 0.17 -32.21 33.46
N LEU A 218 0.89 -31.10 33.57
CA LEU A 218 2.16 -30.96 32.88
C LEU A 218 3.07 -32.16 33.14
N SER A 219 2.89 -32.82 34.27
CA SER A 219 3.81 -33.89 34.66
C SER A 219 3.54 -35.19 33.91
N GLN A 220 2.42 -35.26 33.19
CA GLN A 220 2.08 -36.51 32.51
C GLN A 220 2.22 -36.37 31.02
N VAL A 221 2.50 -35.15 30.57
CA VAL A 221 2.59 -34.89 29.15
C VAL A 221 3.63 -35.77 28.45
N TYR A 222 4.87 -35.83 28.94
CA TYR A 222 5.89 -36.62 28.26
C TYR A 222 5.48 -38.10 28.18
N GLU A 223 4.99 -38.65 29.30
CA GLU A 223 4.61 -40.08 29.30
C GLU A 223 3.48 -40.39 28.32
N LEU A 224 2.46 -39.52 28.29
CA LEU A 224 1.44 -39.66 27.27
C LEU A 224 1.96 -39.65 25.84
N LEU A 225 2.80 -38.67 25.47
CA LEU A 225 3.30 -38.61 24.08
C LEU A 225 4.08 -39.89 23.80
N GLU A 226 4.74 -40.39 24.82
CA GLU A 226 5.57 -41.56 24.59
C GLU A 226 4.67 -42.77 24.21
N LYS A 227 3.40 -42.75 24.64
CA LYS A 227 2.44 -43.82 24.35
C LYS A 227 1.75 -43.57 23.00
N ASP A 228 2.12 -42.46 22.39
CA ASP A 228 1.53 -42.00 21.13
C ASP A 228 0.21 -41.26 21.30
N TYR A 229 -0.09 -40.84 22.51
CA TYR A 229 -1.22 -39.92 22.71
C TYR A 229 -0.86 -38.60 22.07
N ARG A 230 -1.80 -38.01 21.33
CA ARG A 230 -1.66 -36.64 20.80
C ARG A 230 -3.01 -35.93 21.00
N MET A 231 -2.97 -34.62 21.10
CA MET A 231 -4.19 -33.81 21.14
C MET A 231 -5.12 -34.19 19.96
N GLU A 232 -6.41 -34.25 20.23
CA GLU A 232 -7.42 -34.61 19.20
C GLU A 232 -7.66 -33.43 18.27
N ARG A 233 -8.22 -33.69 17.08
CA ARG A 233 -8.58 -32.59 16.16
C ARG A 233 -9.64 -31.67 16.79
N PRO A 234 -9.35 -30.37 16.82
CA PRO A 234 -10.34 -29.48 17.45
C PRO A 234 -11.55 -29.36 16.54
N GLU A 235 -12.71 -29.05 17.10
CA GLU A 235 -13.93 -28.91 16.30
C GLU A 235 -13.72 -27.87 15.19
N GLY A 236 -14.12 -28.21 13.97
CA GLY A 236 -13.99 -27.26 12.88
C GLY A 236 -12.62 -27.22 12.22
N CYS A 237 -11.61 -27.84 12.82
CA CYS A 237 -10.29 -27.84 12.20
C CYS A 237 -10.35 -28.76 10.99
N PRO A 238 -9.93 -28.27 9.81
CA PRO A 238 -10.04 -29.17 8.67
C PRO A 238 -9.12 -30.38 8.73
N GLU A 239 -9.54 -31.46 8.09
CA GLU A 239 -8.82 -32.72 8.21
C GLU A 239 -7.39 -32.61 7.72
N LYS A 240 -7.19 -31.87 6.65
CA LYS A 240 -5.84 -31.72 6.08
C LYS A 240 -4.91 -30.95 7.03
N VAL A 241 -5.48 -30.01 7.78
CA VAL A 241 -4.68 -29.25 8.76
C VAL A 241 -4.33 -30.16 9.94
N TYR A 242 -5.31 -30.93 10.42
CA TYR A 242 -5.02 -31.89 11.46
C TYR A 242 -3.98 -32.93 11.01
N GLU A 243 -3.98 -33.31 9.73
CA GLU A 243 -2.95 -34.24 9.30
C GLU A 243 -1.55 -33.62 9.37
N LEU A 244 -1.42 -32.36 8.94
CA LEU A 244 -0.14 -31.66 9.00
C LEU A 244 0.28 -31.57 10.47
N MET A 245 -0.70 -31.25 11.30
CA MET A 245 -0.52 -31.15 12.73
C MET A 245 0.11 -32.43 13.26
N ARG A 246 -0.48 -33.56 12.85
CA ARG A 246 0.02 -34.84 13.30
C ARG A 246 1.42 -35.15 12.77
N ALA A 247 1.73 -34.71 11.57
CA ALA A 247 3.08 -34.91 11.03
C ALA A 247 4.13 -34.12 11.87
N CYS A 248 3.75 -32.91 12.30
CA CYS A 248 4.63 -32.08 13.14
C CYS A 248 4.93 -32.80 14.46
N TRP A 249 4.04 -33.70 14.86
CA TRP A 249 4.16 -34.36 16.17
C TRP A 249 4.59 -35.84 16.07
N GLN A 250 5.15 -36.22 14.94
CA GLN A 250 5.90 -37.49 14.87
C GLN A 250 6.99 -37.50 15.96
N TRP A 251 7.12 -38.63 16.63
CA TRP A 251 8.06 -38.78 17.73
C TRP A 251 9.51 -38.51 17.26
N ASN A 252 9.90 -39.08 16.12
CA ASN A 252 11.28 -38.92 15.68
C ASN A 252 11.40 -37.61 14.89
N PRO A 253 12.30 -36.72 15.32
CA PRO A 253 12.37 -35.40 14.65
C PRO A 253 12.61 -35.50 13.14
N SER A 254 13.45 -36.44 12.71
CA SER A 254 13.69 -36.66 11.27
C SER A 254 12.42 -37.08 10.50
N ASP A 255 11.41 -37.57 11.22
CA ASP A 255 10.11 -37.90 10.60
C ASP A 255 9.14 -36.73 10.43
N ARG A 256 9.48 -35.58 11.01
CA ARG A 256 8.66 -34.36 10.88
C ARG A 256 8.94 -33.69 9.52
N PRO A 257 7.91 -33.07 8.92
CA PRO A 257 8.13 -32.35 7.65
C PRO A 257 9.05 -31.15 7.89
N SER A 258 9.60 -30.59 6.81
CA SER A 258 10.38 -29.36 6.94
C SER A 258 9.39 -28.21 6.82
N PHE A 259 9.84 -27.01 7.21
CA PHE A 259 8.96 -25.87 7.11
C PHE A 259 8.73 -25.52 5.63
N ALA A 260 9.71 -25.84 4.78
CA ALA A 260 9.52 -25.69 3.34
C ALA A 260 8.33 -26.52 2.87
N GLU A 261 8.26 -27.79 3.26
CA GLU A 261 7.06 -28.60 2.98
C GLU A 261 5.77 -28.07 3.60
N ILE A 262 5.84 -27.64 4.85
CA ILE A 262 4.65 -27.16 5.56
C ILE A 262 4.13 -25.91 4.85
N HIS A 263 5.05 -25.00 4.55
CA HIS A 263 4.63 -23.75 3.99
C HIS A 263 3.99 -23.96 2.62
N GLN A 264 4.56 -24.86 1.82
CA GLN A 264 3.96 -25.20 0.54
C GLN A 264 2.54 -25.70 0.74
N ALA A 265 2.35 -26.61 1.69
CA ALA A 265 1.02 -27.16 1.96
C ALA A 265 0.04 -26.04 2.38
N PHE A 266 0.46 -25.15 3.26
CA PHE A 266 -0.46 -24.10 3.66
C PHE A 266 -0.81 -23.14 2.52
N GLU A 267 0.18 -22.72 1.75
CA GLU A 267 -0.07 -21.82 0.62
C GLU A 267 -1.15 -22.43 -0.29
N THR A 268 -1.01 -23.71 -0.60
CA THR A 268 -2.03 -24.41 -1.36
C THR A 268 -3.39 -24.30 -0.69
N MET A 269 -3.48 -24.73 0.57
CA MET A 269 -4.76 -24.72 1.28
C MET A 269 -5.38 -23.33 1.39
N PHE A 270 -4.54 -22.33 1.62
CA PHE A 270 -5.02 -20.96 1.74
C PHE A 270 -5.58 -20.49 0.41
N GLN A 271 -4.90 -20.82 -0.68
CA GLN A 271 -5.34 -20.40 -2.02
C GLN A 271 -6.67 -21.08 -2.40
N GLU A 272 -6.79 -22.37 -2.07
CA GLU A 272 -8.03 -23.12 -2.18
C GLU A 272 -9.14 -22.49 -1.36
N SER A 273 -8.81 -22.12 -0.11
CA SER A 273 -9.80 -21.55 0.80
C SER A 273 -10.19 -20.14 0.34
N SER A 274 -9.22 -19.38 -0.17
CA SER A 274 -9.47 -18.03 -0.62
C SER A 274 -10.46 -18.00 -1.79
N ILE A 275 -10.30 -18.92 -2.74
CA ILE A 275 -11.23 -19.09 -3.86
C ILE A 275 -12.63 -19.40 -3.37
N SER A 276 -12.75 -20.46 -2.60
CA SER A 276 -14.04 -20.87 -2.10
C SER A 276 -14.74 -19.74 -1.31
N ASP A 277 -13.94 -18.82 -0.77
CA ASP A 277 -14.43 -17.73 0.06
C ASP A 277 -14.93 -16.58 -0.81
N GLU A 278 -14.14 -16.22 -1.81
CA GLU A 278 -14.57 -15.20 -2.75
C GLU A 278 -15.87 -15.62 -3.47
N VAL A 279 -16.04 -16.92 -3.69
CA VAL A 279 -17.23 -17.43 -4.34
C VAL A 279 -18.45 -17.30 -3.44
N GLU A 280 -18.33 -17.76 -2.20
CA GLU A 280 -19.43 -17.75 -1.24
C GLU A 280 -19.81 -16.34 -0.82
N LYS A 281 -18.86 -15.42 -0.79
CA LYS A 281 -19.18 -14.04 -0.46
C LYS A 281 -19.81 -13.38 -1.68
N GLU A 282 -19.39 -13.83 -2.86
CA GLU A 282 -19.97 -13.32 -4.10
C GLU A 282 -21.40 -13.83 -4.31
N LEU A 283 -22.02 -14.33 -3.24
CA LEU A 283 -23.48 -14.51 -3.22
C LEU A 283 -24.12 -13.43 -2.34
N GLY A 284 -24.53 -12.34 -2.96
CA GLY A 284 -24.93 -11.16 -2.21
C GLY A 284 -23.88 -10.06 -2.32
N GLY B 1 0.25 53.23 -18.08
CA GLY B 1 -0.78 54.34 -17.98
C GLY B 1 -1.26 54.63 -19.39
N SER B 2 -0.70 53.84 -20.29
CA SER B 2 -0.91 53.96 -21.73
C SER B 2 -2.23 53.32 -22.10
N PRO B 3 -2.95 53.93 -23.05
CA PRO B 3 -4.35 53.65 -23.37
C PRO B 3 -4.63 52.17 -23.66
N ASN B 4 -3.66 51.48 -24.25
CA ASN B 4 -3.92 50.14 -24.73
C ASN B 4 -3.29 48.98 -23.96
N TYR B 5 -2.88 49.24 -22.73
CA TYR B 5 -2.26 48.21 -21.93
C TYR B 5 -3.23 47.10 -21.58
N ASP B 6 -2.82 45.86 -21.86
CA ASP B 6 -3.53 44.69 -21.41
C ASP B 6 -2.58 43.81 -20.59
N LYS B 7 -2.89 43.62 -19.30
CA LYS B 7 -1.98 42.93 -18.36
C LYS B 7 -1.58 41.54 -18.84
N TRP B 8 -2.41 40.90 -19.67
CA TRP B 8 -2.14 39.53 -20.14
C TRP B 8 -1.46 39.45 -21.51
N GLU B 9 -1.54 40.52 -22.29
CA GLU B 9 -1.05 40.50 -23.67
C GLU B 9 0.47 40.60 -23.61
N MET B 10 1.16 39.82 -24.43
CA MET B 10 2.60 39.99 -24.53
C MET B 10 2.99 40.08 -25.99
N GLU B 11 4.27 40.29 -26.26
CA GLU B 11 4.71 40.54 -27.62
C GLU B 11 5.18 39.24 -28.26
N ARG B 12 4.56 38.91 -29.40
CA ARG B 12 4.87 37.69 -30.13
C ARG B 12 6.38 37.51 -30.33
N THR B 13 7.09 38.60 -30.58
CA THR B 13 8.51 38.48 -30.86
C THR B 13 9.38 38.16 -29.62
N ASP B 14 8.80 38.28 -28.43
CA ASP B 14 9.48 37.85 -27.19
C ASP B 14 9.68 36.34 -27.11
N ILE B 15 8.99 35.61 -27.99
CA ILE B 15 9.05 34.15 -27.97
C ILE B 15 9.73 33.61 -29.23
N THR B 16 10.77 32.81 -29.04
CA THR B 16 11.35 32.02 -30.12
C THR B 16 10.46 30.80 -30.30
N MET B 17 10.00 30.55 -31.53
CA MET B 17 9.15 29.39 -31.76
C MET B 17 9.93 28.21 -32.34
N LYS B 18 9.70 27.03 -31.79
CA LYS B 18 10.43 25.86 -32.21
C LYS B 18 9.44 24.82 -32.73
N HIS B 19 9.68 23.54 -32.48
CA HIS B 19 8.90 22.44 -33.07
C HIS B 19 7.52 22.20 -32.48
N LYS B 20 6.65 21.60 -33.27
CA LYS B 20 5.35 21.16 -32.79
C LYS B 20 5.53 20.04 -31.79
N LEU B 21 4.76 20.09 -30.72
CA LEU B 21 4.80 19.03 -29.72
C LEU B 21 3.66 18.05 -30.04
N GLY B 22 3.93 16.76 -29.87
CA GLY B 22 2.84 15.78 -29.87
C GLY B 22 2.36 15.30 -31.23
N GLY B 23 3.18 15.44 -32.26
CA GLY B 23 2.94 14.76 -33.51
C GLY B 23 1.63 15.17 -34.18
N GLY B 24 1.07 16.29 -33.75
CA GLY B 24 -0.18 16.78 -34.30
C GLY B 24 -1.40 16.23 -33.59
N GLN B 25 -1.18 15.24 -32.74
CA GLN B 25 -2.23 14.61 -31.95
C GLN B 25 -2.75 15.55 -30.86
N TYR B 26 -1.96 16.59 -30.60
CA TYR B 26 -2.30 17.60 -29.59
C TYR B 26 -2.59 18.96 -30.20
N GLY B 27 -2.64 19.01 -31.53
CA GLY B 27 -2.99 20.25 -32.19
C GLY B 27 -1.81 21.17 -32.45
N GLU B 28 -2.11 22.45 -32.63
CA GLU B 28 -1.10 23.46 -32.90
C GLU B 28 -0.50 23.91 -31.58
N VAL B 29 0.20 22.99 -30.92
CA VAL B 29 1.01 23.35 -29.78
C VAL B 29 2.49 23.14 -30.06
N TYR B 30 3.27 24.17 -29.77
CA TYR B 30 4.69 24.24 -30.12
C TYR B 30 5.57 24.45 -28.86
N GLU B 31 6.80 23.96 -28.88
CA GLU B 31 7.75 24.39 -27.86
C GLU B 31 8.26 25.76 -28.26
N GLY B 32 8.51 26.62 -27.29
CA GLY B 32 9.09 27.91 -27.57
C GLY B 32 9.95 28.31 -26.39
N VAL B 33 10.62 29.45 -26.50
CA VAL B 33 11.37 29.98 -25.38
C VAL B 33 11.06 31.46 -25.28
N TRP B 34 10.58 31.84 -24.10
CA TRP B 34 10.40 33.23 -23.74
C TRP B 34 11.81 33.75 -23.45
N LYS B 35 12.39 34.41 -24.45
CA LYS B 35 13.82 34.75 -24.46
C LYS B 35 14.26 35.63 -23.29
N LYS B 36 13.51 36.69 -23.02
CA LYS B 36 13.92 37.62 -21.97
C LYS B 36 14.09 36.97 -20.60
N TYR B 37 13.38 35.86 -20.35
CA TYR B 37 13.37 35.24 -19.05
C TYR B 37 13.98 33.86 -19.08
N SER B 38 14.58 33.50 -20.20
CA SER B 38 15.24 32.20 -20.30
C SER B 38 14.26 31.07 -19.90
N LEU B 39 13.03 31.12 -20.40
CA LEU B 39 12.01 30.19 -19.94
C LEU B 39 11.45 29.34 -21.07
N THR B 40 11.58 28.02 -20.95
CA THR B 40 11.00 27.13 -21.95
C THR B 40 9.46 27.08 -21.79
N VAL B 41 8.73 27.34 -22.88
CA VAL B 41 7.28 27.41 -22.79
C VAL B 41 6.61 26.48 -23.79
N ALA B 42 5.31 26.33 -23.67
CA ALA B 42 4.57 25.70 -24.74
C ALA B 42 3.64 26.78 -25.23
N VAL B 43 3.46 26.86 -26.54
CA VAL B 43 2.64 27.90 -27.15
C VAL B 43 1.55 27.27 -28.04
N LYS B 44 0.29 27.50 -27.70
CA LYS B 44 -0.81 27.06 -28.54
C LYS B 44 -1.17 28.19 -29.49
N THR B 45 -1.38 27.82 -30.74
CA THR B 45 -1.44 28.83 -31.78
C THR B 45 -2.64 28.56 -32.68
N LEU B 46 -3.12 29.59 -33.35
CA LEU B 46 -4.27 29.43 -34.24
C LEU B 46 -3.81 29.65 -35.68
N LYS B 47 -3.48 30.90 -35.99
CA LYS B 47 -3.02 31.34 -37.32
C LYS B 47 -4.13 32.11 -38.04
N GLU B 48 -3.72 33.07 -38.86
CA GLU B 48 -4.65 33.99 -39.53
C GLU B 48 -5.93 33.31 -40.04
N ASP B 49 -5.77 32.18 -40.73
CA ASP B 49 -6.92 31.39 -41.18
C ASP B 49 -7.98 31.18 -40.09
N THR B 50 -8.86 32.17 -39.96
CA THR B 50 -9.81 32.28 -38.86
C THR B 50 -10.81 31.11 -38.71
N MET B 51 -11.94 31.38 -38.05
CA MET B 51 -13.05 30.42 -37.84
C MET B 51 -12.97 29.53 -36.59
N GLU B 52 -11.80 29.41 -35.98
CA GLU B 52 -11.71 28.73 -34.70
C GLU B 52 -11.59 29.78 -33.59
N VAL B 53 -11.73 31.05 -33.98
CA VAL B 53 -11.28 32.14 -33.16
C VAL B 53 -12.02 32.19 -31.83
N GLU B 54 -13.34 31.99 -31.87
CA GLU B 54 -14.10 32.15 -30.65
C GLU B 54 -13.65 31.16 -29.58
N GLU B 55 -13.49 29.90 -29.95
CA GLU B 55 -13.11 28.88 -28.97
C GLU B 55 -11.71 29.20 -28.41
N PHE B 56 -10.87 29.80 -29.25
CA PHE B 56 -9.54 30.21 -28.81
C PHE B 56 -9.63 31.40 -27.86
N LEU B 57 -10.45 32.38 -28.17
CA LEU B 57 -10.60 33.51 -27.23
C LEU B 57 -11.27 33.08 -25.91
N LYS B 58 -12.25 32.17 -26.00
CA LYS B 58 -12.89 31.61 -24.81
C LYS B 58 -11.87 30.85 -23.95
N GLU B 59 -11.04 30.03 -24.59
CA GLU B 59 -9.97 29.35 -23.85
C GLU B 59 -9.08 30.38 -23.10
N ALA B 60 -8.63 31.44 -23.78
CA ALA B 60 -7.76 32.43 -23.12
C ALA B 60 -8.43 33.05 -21.89
N ALA B 61 -9.69 33.47 -22.05
CA ALA B 61 -10.48 34.07 -20.95
C ALA B 61 -10.63 33.10 -19.79
N VAL B 62 -10.91 31.84 -20.09
CA VAL B 62 -11.07 30.82 -19.06
C VAL B 62 -9.76 30.65 -18.28
N MET B 63 -8.64 30.61 -19.01
CA MET B 63 -7.34 30.37 -18.39
C MET B 63 -6.92 31.52 -17.45
N LYS B 64 -7.34 32.75 -17.79
CA LYS B 64 -7.07 33.92 -16.96
C LYS B 64 -7.65 33.80 -15.54
N GLU B 65 -8.65 32.93 -15.37
CA GLU B 65 -9.31 32.76 -14.07
C GLU B 65 -8.78 31.55 -13.29
N ILE B 66 -7.88 30.77 -13.88
CA ILE B 66 -7.45 29.54 -13.22
C ILE B 66 -6.02 29.60 -12.70
N LYS B 67 -5.88 29.46 -11.39
CA LYS B 67 -4.57 29.62 -10.78
C LYS B 67 -4.49 28.69 -9.61
N HIS B 68 -3.73 27.61 -9.78
CA HIS B 68 -3.62 26.56 -8.80
C HIS B 68 -2.37 25.81 -9.22
N PRO B 69 -1.60 25.28 -8.27
CA PRO B 69 -0.35 24.60 -8.59
C PRO B 69 -0.52 23.30 -9.37
N ASN B 70 -1.72 22.76 -9.42
CA ASN B 70 -1.95 21.53 -10.16
C ASN B 70 -2.87 21.71 -11.35
N LEU B 71 -3.03 22.97 -11.74
CA LEU B 71 -3.64 23.35 -13.02
C LEU B 71 -2.64 24.16 -13.83
N VAL B 72 -2.67 24.01 -15.16
CA VAL B 72 -1.78 24.81 -16.00
C VAL B 72 -1.98 26.30 -15.72
N GLN B 73 -0.88 27.04 -15.63
CA GLN B 73 -0.92 28.47 -15.33
C GLN B 73 -0.59 29.33 -16.53
N LEU B 74 -1.60 30.03 -17.03
CA LEU B 74 -1.37 30.98 -18.11
C LEU B 74 -0.23 31.94 -17.75
N LEU B 75 0.71 32.17 -18.67
CA LEU B 75 1.78 33.15 -18.48
C LEU B 75 1.54 34.38 -19.36
N GLY B 76 0.72 34.22 -20.39
CA GLY B 76 0.44 35.34 -21.27
C GLY B 76 -0.27 34.90 -22.54
N VAL B 77 -0.76 35.86 -23.33
CA VAL B 77 -1.41 35.58 -24.61
C VAL B 77 -1.04 36.63 -25.68
N CYS B 78 -1.29 36.29 -26.94
CA CYS B 78 -1.24 37.25 -28.03
C CYS B 78 -2.58 37.18 -28.74
N THR B 79 -3.50 38.09 -28.44
CA THR B 79 -4.83 37.97 -29.02
C THR B 79 -5.32 39.26 -29.65
N ARG B 80 -4.40 40.17 -29.93
CA ARG B 80 -4.77 41.44 -30.56
C ARG B 80 -4.92 41.28 -32.07
N GLU B 81 -4.10 40.40 -32.65
CA GLU B 81 -4.04 40.19 -34.10
C GLU B 81 -3.43 38.82 -34.29
N PRO B 82 -3.75 38.16 -35.41
CA PRO B 82 -3.17 36.83 -35.69
C PRO B 82 -1.68 36.95 -35.98
N PRO B 83 -0.93 35.85 -35.81
CA PRO B 83 -1.39 34.57 -35.25
C PRO B 83 -1.62 34.72 -33.75
N PHE B 84 -2.67 34.08 -33.23
CA PHE B 84 -2.98 34.12 -31.80
C PHE B 84 -2.09 33.11 -31.03
N TYR B 85 -1.71 33.48 -29.81
CA TYR B 85 -0.92 32.60 -28.92
C TYR B 85 -1.63 32.48 -27.56
N ILE B 86 -1.57 31.27 -27.00
CA ILE B 86 -1.73 31.04 -25.56
C ILE B 86 -0.47 30.35 -24.98
N ILE B 87 0.15 30.98 -23.99
CA ILE B 87 1.48 30.58 -23.48
C ILE B 87 1.44 30.01 -22.06
N ILE B 88 1.99 28.81 -21.86
CA ILE B 88 2.26 28.34 -20.49
C ILE B 88 3.67 27.79 -20.39
N GLU B 89 4.14 27.53 -19.17
CA GLU B 89 5.49 26.98 -18.96
C GLU B 89 5.51 25.55 -19.49
N PHE B 90 6.62 25.16 -20.10
CA PHE B 90 6.79 23.81 -20.62
C PHE B 90 6.83 22.79 -19.47
N MET B 91 6.16 21.67 -19.65
CA MET B 91 6.17 20.63 -18.65
C MET B 91 7.06 19.47 -19.12
N THR B 92 8.15 19.26 -18.40
CA THR B 92 9.28 18.49 -18.91
C THR B 92 8.91 17.13 -19.46
N TYR B 93 8.03 16.39 -18.78
CA TYR B 93 7.75 15.01 -19.17
C TYR B 93 6.51 14.73 -20.04
N GLY B 94 5.81 15.77 -20.43
CA GLY B 94 4.72 15.56 -21.38
C GLY B 94 3.46 15.06 -20.72
N ASN B 95 2.63 14.39 -21.49
CA ASN B 95 1.31 14.05 -21.01
C ASN B 95 1.42 12.80 -20.13
N LEU B 96 0.53 12.67 -19.16
CA LEU B 96 0.59 11.58 -18.17
C LEU B 96 0.35 10.18 -18.76
N LEU B 97 -0.48 10.09 -19.80
CA LEU B 97 -0.71 8.78 -20.39
C LEU B 97 0.59 8.22 -20.98
N ASP B 98 1.32 8.99 -21.79
CA ASP B 98 2.58 8.48 -22.30
C ASP B 98 3.62 8.36 -21.17
N TYR B 99 3.54 9.27 -20.22
CA TYR B 99 4.51 9.17 -19.13
C TYR B 99 4.36 7.81 -18.44
N LEU B 100 3.13 7.43 -18.10
CA LEU B 100 2.90 6.11 -17.50
C LEU B 100 3.31 4.91 -18.38
N ARG B 101 3.11 5.03 -19.69
CA ARG B 101 3.36 3.91 -20.60
C ARG B 101 4.86 3.68 -20.82
N GLU B 102 5.64 4.72 -20.51
CA GLU B 102 7.07 4.69 -20.74
C GLU B 102 7.94 4.73 -19.45
N CYS B 103 7.32 4.70 -18.26
CA CYS B 103 8.08 5.07 -17.07
C CYS B 103 8.90 3.92 -16.50
N ASN B 104 9.84 4.27 -15.64
CA ASN B 104 10.55 3.29 -14.83
C ASN B 104 9.76 3.07 -13.56
N ARG B 105 9.21 1.88 -13.41
CA ARG B 105 8.33 1.60 -12.28
C ARG B 105 9.09 1.51 -10.96
N GLN B 106 10.42 1.56 -11.03
CA GLN B 106 11.20 1.59 -9.81
C GLN B 106 11.13 3.01 -9.29
N GLU B 107 11.14 3.97 -10.21
CA GLU B 107 10.98 5.38 -9.85
C GLU B 107 9.50 5.73 -9.65
N VAL B 108 8.65 5.23 -10.54
CA VAL B 108 7.25 5.57 -10.44
C VAL B 108 6.52 4.46 -9.74
N SER B 109 6.56 4.48 -8.41
CA SER B 109 6.07 3.37 -7.58
C SER B 109 4.72 3.71 -6.99
N ALA B 110 4.17 2.77 -6.21
CA ALA B 110 2.84 2.95 -5.62
C ALA B 110 2.68 4.32 -4.97
N VAL B 111 3.66 4.75 -4.18
CA VAL B 111 3.55 6.05 -3.52
C VAL B 111 3.48 7.19 -4.55
N VAL B 112 4.27 7.11 -5.62
CA VAL B 112 4.19 8.10 -6.71
C VAL B 112 2.83 8.12 -7.45
N LEU B 113 2.27 6.94 -7.71
CA LEU B 113 0.93 6.84 -8.28
C LEU B 113 -0.10 7.51 -7.35
N LEU B 114 0.00 7.24 -6.04
CA LEU B 114 -0.86 7.89 -5.03
C LEU B 114 -0.73 9.39 -5.11
N TYR B 115 0.51 9.83 -5.30
CA TYR B 115 0.84 11.24 -5.33
C TYR B 115 0.28 11.93 -6.58
N MET B 116 0.28 11.21 -7.71
CA MET B 116 -0.29 11.75 -8.93
C MET B 116 -1.79 12.00 -8.74
N ALA B 117 -2.48 11.01 -8.17
CA ALA B 117 -3.90 11.08 -7.97
C ALA B 117 -4.25 12.19 -6.99
N THR B 118 -3.47 12.32 -5.92
CA THR B 118 -3.70 13.36 -4.93
C THR B 118 -3.62 14.74 -5.59
N GLN B 119 -2.62 14.93 -6.45
CA GLN B 119 -2.43 16.20 -7.12
C GLN B 119 -3.63 16.52 -8.03
N ILE B 120 -4.07 15.52 -8.80
CA ILE B 120 -5.18 15.73 -9.73
C ILE B 120 -6.50 15.99 -8.97
N SER B 121 -6.73 15.24 -7.89
CA SER B 121 -7.94 15.48 -7.11
C SER B 121 -7.89 16.87 -6.51
N SER B 122 -6.70 17.39 -6.27
CA SER B 122 -6.58 18.77 -5.78
C SER B 122 -6.99 19.78 -6.84
N ALA B 123 -6.47 19.61 -8.06
CA ALA B 123 -6.88 20.45 -9.17
C ALA B 123 -8.39 20.45 -9.35
N MET B 124 -8.99 19.27 -9.24
CA MET B 124 -10.42 19.12 -9.50
C MET B 124 -11.28 19.62 -8.35
N GLU B 125 -10.74 19.61 -7.13
CA GLU B 125 -11.40 20.30 -6.05
C GLU B 125 -11.47 21.79 -6.30
N TYR B 126 -10.42 22.36 -6.89
CA TYR B 126 -10.37 23.79 -7.16
C TYR B 126 -11.35 24.14 -8.27
N LEU B 127 -11.37 23.36 -9.34
CA LEU B 127 -12.36 23.61 -10.38
C LEU B 127 -13.78 23.51 -9.81
N GLU B 128 -14.01 22.49 -8.97
CA GLU B 128 -15.32 22.27 -8.37
C GLU B 128 -15.67 23.55 -7.61
N LYS B 129 -14.74 24.02 -6.80
CA LYS B 129 -14.92 25.20 -5.98
C LYS B 129 -15.29 26.43 -6.84
N LYS B 130 -14.70 26.51 -8.03
CA LYS B 130 -14.90 27.64 -8.90
C LYS B 130 -16.10 27.47 -9.83
N ASN B 131 -16.88 26.42 -9.60
CA ASN B 131 -18.00 26.06 -10.48
C ASN B 131 -17.57 25.89 -11.93
N PHE B 132 -16.35 25.43 -12.17
CA PHE B 132 -16.01 25.11 -13.55
C PHE B 132 -16.30 23.62 -13.79
N ILE B 133 -16.35 23.23 -15.07
CA ILE B 133 -16.51 21.85 -15.45
C ILE B 133 -15.41 21.51 -16.46
N HIS B 134 -14.62 20.46 -16.21
CA HIS B 134 -13.49 20.23 -17.07
C HIS B 134 -14.00 19.77 -18.42
N ARG B 135 -14.83 18.73 -18.33
CA ARG B 135 -15.46 18.06 -19.46
C ARG B 135 -14.66 17.01 -20.23
N ASP B 136 -13.34 16.97 -20.08
CA ASP B 136 -12.59 15.91 -20.79
C ASP B 136 -11.43 15.39 -19.92
N LEU B 137 -11.69 15.02 -18.68
CA LEU B 137 -10.59 14.68 -17.78
C LEU B 137 -10.08 13.27 -18.09
N ALA B 138 -8.76 13.11 -18.10
CA ALA B 138 -8.13 11.84 -18.52
C ALA B 138 -6.61 12.01 -18.59
N ALA B 139 -5.89 10.90 -18.60
CA ALA B 139 -4.45 10.96 -18.46
C ALA B 139 -3.83 11.70 -19.66
N ARG B 140 -4.45 11.59 -20.83
CA ARG B 140 -3.93 12.22 -22.04
C ARG B 140 -3.96 13.75 -21.91
N ASN B 141 -4.81 14.26 -21.00
CA ASN B 141 -4.91 15.70 -20.75
C ASN B 141 -4.27 16.13 -19.42
N CYS B 142 -3.44 15.27 -18.83
CA CYS B 142 -2.61 15.72 -17.71
C CYS B 142 -1.17 15.84 -18.16
N LEU B 143 -0.44 16.72 -17.51
CA LEU B 143 0.95 17.01 -17.86
C LEU B 143 1.83 16.61 -16.66
N VAL B 144 3.08 16.24 -16.92
CA VAL B 144 3.98 15.79 -15.86
C VAL B 144 5.25 16.64 -15.91
N GLY B 145 5.65 17.16 -14.75
CA GLY B 145 6.84 17.99 -14.70
C GLY B 145 7.92 17.34 -13.84
N GLU B 146 8.88 18.12 -13.39
CA GLU B 146 9.97 17.61 -12.55
C GLU B 146 9.45 17.09 -11.19
N ASN B 147 10.11 16.07 -10.62
CA ASN B 147 9.70 15.54 -9.31
C ASN B 147 8.22 15.10 -9.27
N HIS B 148 7.76 14.53 -10.38
CA HIS B 148 6.41 13.99 -10.40
C HIS B 148 5.32 15.04 -10.22
N LEU B 149 5.63 16.33 -10.42
CA LEU B 149 4.58 17.34 -10.47
C LEU B 149 3.54 16.94 -11.56
N VAL B 150 2.25 16.96 -11.21
CA VAL B 150 1.23 16.87 -12.24
C VAL B 150 0.34 18.12 -12.30
N LYS B 151 0.10 18.64 -13.51
CA LYS B 151 -0.90 19.70 -13.72
C LYS B 151 -1.97 19.19 -14.66
N VAL B 152 -3.24 19.46 -14.33
CA VAL B 152 -4.39 19.07 -15.16
C VAL B 152 -4.45 20.08 -16.29
N ALA B 153 -4.71 19.61 -17.50
CA ALA B 153 -4.72 20.53 -18.62
C ALA B 153 -5.93 20.19 -19.48
N ASP B 154 -6.06 20.85 -20.61
CA ASP B 154 -7.09 20.44 -21.58
C ASP B 154 -6.61 20.86 -22.96
N PHE B 155 -6.54 19.92 -23.89
CA PHE B 155 -6.05 20.21 -25.22
C PHE B 155 -7.14 20.22 -26.30
N GLY B 156 -8.40 20.10 -25.89
CA GLY B 156 -9.49 20.05 -26.84
C GLY B 156 -9.21 18.99 -27.90
N LEU B 157 -9.03 17.75 -27.45
CA LEU B 157 -8.48 16.68 -28.29
C LEU B 157 -9.48 15.94 -29.18
N SER B 158 -10.77 16.08 -28.89
CA SER B 158 -11.78 15.23 -29.54
C SER B 158 -11.67 15.34 -31.05
N ARG B 159 -11.01 16.42 -31.48
CA ARG B 159 -10.99 16.86 -32.86
C ARG B 159 -9.63 16.55 -33.49
N LEU B 160 -8.61 16.40 -32.65
CA LEU B 160 -7.24 16.30 -33.11
C LEU B 160 -6.69 14.89 -32.94
N MET B 161 -7.19 14.18 -31.93
CA MET B 161 -6.67 12.85 -31.61
C MET B 161 -7.37 11.76 -32.43
N THR B 162 -6.59 11.04 -33.22
CA THR B 162 -7.13 9.97 -34.04
C THR B 162 -7.05 8.58 -33.40
N GLY B 163 -7.82 7.66 -33.95
CA GLY B 163 -7.95 6.35 -33.33
C GLY B 163 -9.33 6.21 -32.72
N ASP B 164 -9.46 5.31 -31.75
CA ASP B 164 -10.77 4.96 -31.21
C ASP B 164 -11.08 5.65 -29.89
N THR B 165 -10.11 6.38 -29.35
CA THR B 165 -10.33 7.05 -28.07
C THR B 165 -11.48 8.08 -28.16
N TYR B 166 -11.57 8.81 -29.26
CA TYR B 166 -12.77 9.61 -29.54
C TYR B 166 -13.52 9.07 -30.76
N THR B 167 -14.84 9.00 -30.64
CA THR B 167 -15.68 8.51 -31.73
C THR B 167 -16.98 9.31 -31.83
N ALA B 168 -17.60 9.24 -33.02
CA ALA B 168 -18.82 10.00 -33.32
C ALA B 168 -19.92 9.69 -32.32
N HIS B 169 -20.57 10.75 -31.81
CA HIS B 169 -21.64 10.58 -30.85
C HIS B 169 -22.35 11.90 -30.58
N ALA B 170 -23.68 11.84 -30.53
CA ALA B 170 -24.48 12.99 -30.15
C ALA B 170 -24.13 14.23 -30.98
N GLY B 171 -23.67 14.01 -32.21
CA GLY B 171 -23.37 15.13 -33.08
C GLY B 171 -21.98 15.69 -32.90
N ALA B 172 -21.15 14.99 -32.12
CA ALA B 172 -19.79 15.42 -31.83
C ALA B 172 -18.88 14.19 -31.73
N LYS B 173 -17.65 14.39 -31.26
CA LYS B 173 -16.79 13.27 -30.88
C LYS B 173 -16.67 13.17 -29.35
N PHE B 174 -16.98 11.99 -28.81
CA PHE B 174 -16.91 11.76 -27.38
C PHE B 174 -15.82 10.72 -27.08
N PRO B 175 -15.08 10.90 -25.98
CA PRO B 175 -14.27 9.77 -25.51
C PRO B 175 -15.22 8.85 -24.75
N ILE B 176 -15.82 7.88 -25.43
CA ILE B 176 -16.93 7.08 -24.85
C ILE B 176 -16.53 6.48 -23.49
N LYS B 177 -15.34 5.90 -23.42
CA LYS B 177 -14.94 5.09 -22.29
C LYS B 177 -14.63 5.90 -21.04
N TRP B 178 -14.62 7.22 -21.17
CA TRP B 178 -14.45 8.12 -20.04
C TRP B 178 -15.76 8.84 -19.66
N THR B 179 -16.81 8.65 -20.46
CA THR B 179 -17.97 9.56 -20.38
C THR B 179 -19.03 8.95 -19.47
N ALA B 180 -19.50 9.74 -18.51
CA ALA B 180 -20.56 9.33 -17.58
C ALA B 180 -21.86 8.97 -18.33
N PRO B 181 -22.66 8.03 -17.77
CA PRO B 181 -23.89 7.53 -18.40
C PRO B 181 -24.88 8.64 -18.74
N GLU B 182 -25.06 9.59 -17.84
CA GLU B 182 -25.98 10.70 -18.09
C GLU B 182 -25.46 11.63 -19.18
N SER B 183 -24.13 11.66 -19.38
CA SER B 183 -23.57 12.49 -20.44
C SER B 183 -23.75 11.86 -21.80
N LEU B 184 -23.55 10.55 -21.86
CA LEU B 184 -23.75 9.79 -23.07
C LEU B 184 -25.21 9.82 -23.54
N ALA B 185 -26.14 9.61 -22.60
CA ALA B 185 -27.56 9.49 -22.94
C ALA B 185 -28.35 10.81 -23.00
N TYR B 186 -27.97 11.81 -22.22
CA TYR B 186 -28.73 13.07 -22.15
C TYR B 186 -27.91 14.32 -22.43
N ASN B 187 -26.63 14.14 -22.75
CA ASN B 187 -25.74 15.25 -23.01
C ASN B 187 -25.64 16.18 -21.80
N LYS B 188 -25.74 15.59 -20.61
CA LYS B 188 -25.67 16.33 -19.36
C LYS B 188 -24.26 16.21 -18.80
N PHE B 189 -23.59 17.36 -18.69
CA PHE B 189 -22.22 17.42 -18.17
C PHE B 189 -22.18 18.31 -16.95
N SER B 190 -21.44 17.89 -15.93
CA SER B 190 -21.38 18.65 -14.69
C SER B 190 -20.11 18.26 -13.96
N ILE B 191 -19.86 18.88 -12.81
CA ILE B 191 -18.74 18.45 -12.01
C ILE B 191 -18.86 16.97 -11.62
N LYS B 192 -20.09 16.44 -11.53
CA LYS B 192 -20.32 15.03 -11.26
C LYS B 192 -19.98 14.09 -12.43
N SER B 193 -20.09 14.54 -13.68
CA SER B 193 -19.52 13.77 -14.75
C SER B 193 -17.99 13.89 -14.77
N ASP B 194 -17.43 14.98 -14.22
CA ASP B 194 -15.95 15.03 -14.05
C ASP B 194 -15.50 14.02 -12.98
N VAL B 195 -16.37 13.68 -12.04
CA VAL B 195 -15.98 12.75 -10.99
C VAL B 195 -15.92 11.34 -11.53
N TRP B 196 -16.92 11.01 -12.35
CA TRP B 196 -16.92 9.79 -13.14
C TRP B 196 -15.64 9.64 -13.96
N ALA B 197 -15.28 10.66 -14.75
CA ALA B 197 -14.06 10.61 -15.55
C ALA B 197 -12.80 10.43 -14.69
N PHE B 198 -12.73 11.15 -13.57
CA PHE B 198 -11.56 11.03 -12.67
C PHE B 198 -11.43 9.58 -12.23
N GLY B 199 -12.59 8.94 -12.03
CA GLY B 199 -12.61 7.52 -11.70
C GLY B 199 -11.97 6.68 -12.76
N VAL B 200 -12.25 6.96 -14.04
CA VAL B 200 -11.58 6.23 -15.08
C VAL B 200 -10.07 6.59 -15.14
N LEU B 201 -9.74 7.85 -14.86
CA LEU B 201 -8.35 8.30 -14.80
C LEU B 201 -7.61 7.59 -13.64
N LEU B 202 -8.27 7.39 -12.50
CA LEU B 202 -7.67 6.56 -11.46
C LEU B 202 -7.28 5.19 -12.05
N TRP B 203 -8.16 4.62 -12.83
CA TRP B 203 -7.91 3.30 -13.39
C TRP B 203 -6.74 3.34 -14.38
N GLU B 204 -6.59 4.44 -15.13
CA GLU B 204 -5.43 4.64 -16.00
C GLU B 204 -4.11 4.68 -15.25
N ILE B 205 -4.12 5.36 -14.12
CA ILE B 205 -2.93 5.50 -13.31
C ILE B 205 -2.57 4.14 -12.73
N ALA B 206 -3.55 3.46 -12.14
CA ALA B 206 -3.31 2.18 -11.50
C ALA B 206 -2.84 1.10 -12.47
N THR B 207 -3.05 1.29 -13.77
CA THR B 207 -2.62 0.29 -14.73
C THR B 207 -1.42 0.80 -15.50
N TYR B 208 -0.84 1.93 -15.10
CA TYR B 208 0.22 2.59 -15.86
C TYR B 208 -0.19 2.81 -17.32
N GLY B 209 -1.41 3.30 -17.55
CA GLY B 209 -1.75 3.86 -18.85
C GLY B 209 -2.39 2.89 -19.83
N MET B 210 -2.91 1.78 -19.33
CA MET B 210 -3.77 0.90 -20.12
C MET B 210 -5.05 1.58 -20.64
N SER B 211 -5.51 1.11 -21.79
CA SER B 211 -6.75 1.61 -22.36
C SER B 211 -7.93 1.01 -21.58
N PRO B 212 -8.91 1.85 -21.23
CA PRO B 212 -10.05 1.38 -20.39
C PRO B 212 -10.98 0.33 -21.03
N TYR B 213 -11.65 -0.42 -20.16
CA TYR B 213 -12.54 -1.54 -20.54
C TYR B 213 -11.88 -2.50 -21.54
N PRO B 214 -10.78 -3.14 -21.12
CA PRO B 214 -9.96 -3.90 -22.09
C PRO B 214 -10.76 -5.02 -22.77
N GLY B 215 -10.84 -4.97 -24.09
CA GLY B 215 -11.53 -6.00 -24.84
C GLY B 215 -12.99 -5.77 -25.17
N ILE B 216 -13.55 -4.61 -24.79
CA ILE B 216 -14.99 -4.35 -24.87
C ILE B 216 -15.29 -3.29 -25.93
N ASP B 217 -16.18 -3.59 -26.88
CA ASP B 217 -16.58 -2.63 -27.90
C ASP B 217 -17.18 -1.39 -27.24
N LEU B 218 -16.79 -0.22 -27.72
CA LEU B 218 -17.44 1.03 -27.33
C LEU B 218 -18.97 0.90 -27.37
N SER B 219 -19.49 0.24 -28.40
CA SER B 219 -20.93 0.22 -28.61
C SER B 219 -21.68 -0.57 -27.54
N GLN B 220 -20.95 -1.32 -26.72
CA GLN B 220 -21.58 -2.10 -25.65
C GLN B 220 -21.39 -1.48 -24.27
N VAL B 221 -20.55 -0.44 -24.20
CA VAL B 221 -20.24 0.20 -22.93
C VAL B 221 -21.46 0.66 -22.12
N TYR B 222 -22.33 1.50 -22.69
CA TYR B 222 -23.45 2.05 -21.91
C TYR B 222 -24.33 0.93 -21.37
N GLU B 223 -24.69 -0.01 -22.24
CA GLU B 223 -25.51 -1.15 -21.81
C GLU B 223 -24.90 -1.94 -20.65
N LEU B 224 -23.57 -2.06 -20.67
CA LEU B 224 -22.86 -2.75 -19.59
C LEU B 224 -22.95 -1.91 -18.31
N LEU B 225 -22.71 -0.60 -18.41
CA LEU B 225 -22.79 0.27 -17.25
C LEU B 225 -24.21 0.17 -16.69
N GLU B 226 -25.19 0.10 -17.58
CA GLU B 226 -26.60 0.07 -17.18
C GLU B 226 -26.95 -1.18 -16.38
N LYS B 227 -26.28 -2.28 -16.68
CA LYS B 227 -26.50 -3.52 -15.94
C LYS B 227 -25.67 -3.56 -14.66
N ASP B 228 -24.93 -2.48 -14.42
CA ASP B 228 -24.05 -2.35 -13.26
C ASP B 228 -22.70 -3.03 -13.45
N TYR B 229 -22.28 -3.26 -14.68
CA TYR B 229 -20.88 -3.63 -14.93
C TYR B 229 -19.98 -2.43 -14.70
N ARG B 230 -18.87 -2.65 -14.00
CA ARG B 230 -17.80 -1.66 -13.85
C ARG B 230 -16.47 -2.38 -14.00
N MET B 231 -15.42 -1.67 -14.36
CA MET B 231 -14.10 -2.29 -14.49
C MET B 231 -13.69 -2.92 -13.15
N GLU B 232 -12.97 -4.05 -13.24
CA GLU B 232 -12.48 -4.77 -12.06
C GLU B 232 -11.32 -4.00 -11.43
N ARG B 233 -11.03 -4.25 -10.15
CA ARG B 233 -9.86 -3.64 -9.49
C ARG B 233 -8.57 -4.11 -10.16
N PRO B 234 -7.75 -3.19 -10.68
CA PRO B 234 -6.56 -3.64 -11.40
C PRO B 234 -5.59 -4.31 -10.43
N GLU B 235 -4.79 -5.26 -10.93
CA GLU B 235 -3.71 -5.88 -10.17
C GLU B 235 -2.92 -4.88 -9.32
N GLY B 236 -2.83 -5.12 -8.02
CA GLY B 236 -2.04 -4.25 -7.16
C GLY B 236 -2.71 -2.99 -6.67
N CYS B 237 -3.92 -2.71 -7.13
CA CYS B 237 -4.61 -1.48 -6.76
C CYS B 237 -5.13 -1.65 -5.35
N PRO B 238 -4.77 -0.75 -4.42
CA PRO B 238 -5.23 -0.88 -3.04
C PRO B 238 -6.75 -0.80 -2.94
N GLU B 239 -7.33 -1.74 -2.20
CA GLU B 239 -8.77 -1.84 -2.09
C GLU B 239 -9.43 -0.51 -1.78
N LYS B 240 -8.80 0.30 -0.95
CA LYS B 240 -9.40 1.58 -0.61
C LYS B 240 -9.46 2.47 -1.86
N VAL B 241 -8.48 2.36 -2.74
CA VAL B 241 -8.49 3.12 -3.98
C VAL B 241 -9.57 2.64 -4.95
N TYR B 242 -9.73 1.32 -5.03
CA TYR B 242 -10.82 0.75 -5.78
C TYR B 242 -12.18 1.16 -5.22
N GLU B 243 -12.32 1.22 -3.90
CA GLU B 243 -13.60 1.65 -3.33
C GLU B 243 -13.90 3.08 -3.79
N LEU B 244 -12.88 3.91 -3.89
CA LEU B 244 -13.08 5.28 -4.34
C LEU B 244 -13.44 5.36 -5.83
N MET B 245 -12.80 4.50 -6.63
CA MET B 245 -13.16 4.37 -8.04
C MET B 245 -14.63 4.04 -8.19
N ARG B 246 -15.06 2.98 -7.50
CA ARG B 246 -16.42 2.47 -7.61
C ARG B 246 -17.46 3.49 -7.20
N ALA B 247 -17.10 4.38 -6.26
CA ALA B 247 -18.01 5.44 -5.84
C ALA B 247 -18.04 6.52 -6.91
N CYS B 248 -16.91 6.76 -7.57
CA CYS B 248 -16.91 7.71 -8.68
C CYS B 248 -17.84 7.22 -9.79
N TRP B 249 -18.07 5.92 -9.85
CA TRP B 249 -18.88 5.34 -10.91
C TRP B 249 -20.28 4.94 -10.44
N GLN B 250 -20.79 5.65 -9.42
CA GLN B 250 -22.19 5.49 -9.04
C GLN B 250 -23.02 5.92 -10.24
N TRP B 251 -24.06 5.15 -10.55
CA TRP B 251 -24.88 5.44 -11.72
C TRP B 251 -25.50 6.83 -11.62
N ASN B 252 -26.07 7.14 -10.46
CA ASN B 252 -26.68 8.45 -10.26
C ASN B 252 -25.62 9.43 -9.77
N PRO B 253 -25.43 10.56 -10.50
CA PRO B 253 -24.40 11.56 -10.18
C PRO B 253 -24.46 12.12 -8.77
N SER B 254 -25.66 12.15 -8.19
CA SER B 254 -25.87 12.63 -6.81
C SER B 254 -25.19 11.72 -5.80
N ASP B 255 -25.13 10.43 -6.12
CA ASP B 255 -24.47 9.45 -5.27
C ASP B 255 -22.94 9.44 -5.36
N ARG B 256 -22.39 10.14 -6.35
CA ARG B 256 -20.94 10.23 -6.51
C ARG B 256 -20.39 11.25 -5.54
N PRO B 257 -19.22 10.97 -4.94
CA PRO B 257 -18.61 11.95 -4.05
C PRO B 257 -18.23 13.26 -4.72
N SER B 258 -17.86 14.23 -3.90
CA SER B 258 -17.35 15.51 -4.38
C SER B 258 -15.83 15.43 -4.48
N PHE B 259 -15.23 16.30 -5.27
CA PHE B 259 -13.80 16.30 -5.36
C PHE B 259 -13.14 16.77 -4.04
N ALA B 260 -13.92 17.48 -3.23
CA ALA B 260 -13.43 17.91 -1.92
C ALA B 260 -13.27 16.64 -1.07
N GLU B 261 -14.28 15.79 -1.14
CA GLU B 261 -14.22 14.54 -0.42
C GLU B 261 -13.09 13.66 -0.96
N ILE B 262 -12.95 13.63 -2.29
CA ILE B 262 -11.98 12.75 -2.93
C ILE B 262 -10.56 13.17 -2.58
N HIS B 263 -10.31 14.47 -2.62
CA HIS B 263 -8.99 14.99 -2.32
C HIS B 263 -8.62 14.66 -0.87
N GLN B 264 -9.57 14.82 0.05
CA GLN B 264 -9.33 14.48 1.45
C GLN B 264 -8.91 13.01 1.56
N ALA B 265 -9.67 12.12 0.95
CA ALA B 265 -9.35 10.71 0.99
C ALA B 265 -7.91 10.44 0.51
N PHE B 266 -7.55 10.97 -0.67
CA PHE B 266 -6.23 10.69 -1.23
C PHE B 266 -5.11 11.33 -0.42
N GLU B 267 -5.37 12.51 0.12
CA GLU B 267 -4.39 13.23 0.94
C GLU B 267 -3.98 12.37 2.15
N THR B 268 -4.96 11.72 2.74
CA THR B 268 -4.76 10.82 3.88
C THR B 268 -4.04 9.54 3.45
N MET B 269 -4.39 9.00 2.28
CA MET B 269 -3.73 7.80 1.78
C MET B 269 -2.29 8.08 1.42
N PHE B 270 -2.05 9.29 0.91
CA PHE B 270 -0.72 9.69 0.46
C PHE B 270 0.21 9.94 1.65
N GLN B 271 -0.30 10.58 2.70
CA GLN B 271 0.48 10.76 3.92
C GLN B 271 0.84 9.40 4.53
N GLU B 272 -0.13 8.50 4.63
CA GLU B 272 0.18 7.21 5.23
C GLU B 272 1.22 6.49 4.38
N SER B 273 1.05 6.56 3.06
CA SER B 273 1.96 5.87 2.17
C SER B 273 3.35 6.52 2.14
N SER B 274 3.41 7.85 2.20
CA SER B 274 4.70 8.56 2.27
C SER B 274 5.54 8.15 3.49
N ILE B 275 4.93 8.20 4.67
CA ILE B 275 5.61 7.84 5.91
C ILE B 275 6.21 6.44 5.82
N SER B 276 5.46 5.49 5.32
CA SER B 276 6.01 4.13 5.16
C SER B 276 7.18 4.14 4.19
N ASP B 277 7.13 5.02 3.20
CA ASP B 277 8.14 5.07 2.17
C ASP B 277 9.42 5.75 2.68
N GLU B 278 9.28 6.83 3.44
CA GLU B 278 10.43 7.53 4.00
C GLU B 278 11.21 6.62 4.95
N VAL B 279 10.50 5.79 5.68
CA VAL B 279 11.14 4.84 6.58
C VAL B 279 11.91 3.82 5.77
N GLU B 280 11.28 3.34 4.71
CA GLU B 280 11.92 2.42 3.78
C GLU B 280 13.15 2.99 3.07
N LYS B 281 13.09 4.23 2.61
CA LYS B 281 14.27 4.87 2.04
C LYS B 281 15.32 5.05 3.14
N GLU B 282 14.87 5.27 4.37
CA GLU B 282 15.79 5.55 5.46
C GLU B 282 16.58 4.31 5.86
N LEU B 283 16.05 3.13 5.58
CA LEU B 283 16.73 1.89 5.92
C LEU B 283 17.90 1.57 4.96
N GLY B 284 18.21 2.49 4.06
CA GLY B 284 19.39 2.36 3.24
C GLY B 284 20.24 3.63 3.23
#